data_4IIT
#
_entry.id   4IIT
#
_cell.length_a   208.941
_cell.length_b   208.941
_cell.length_c   86.081
_cell.angle_alpha   90.00
_cell.angle_beta   90.00
_cell.angle_gamma   120.00
#
_symmetry.space_group_name_H-M   'P 63 2 2'
#
loop_
_entity.id
_entity.type
_entity.pdbx_description
1 polymer 'Phenylacetate-CoA oxygenase subunit PaaA'
2 polymer 'Phenylacetate-CoA oxygenase subunit PaaB'
3 polymer 'Phenylacetate-CoA oxygenase subunit PaaC'
4 non-polymer 'Phenylacetyl coenzyme A'
#
loop_
_entity_poly.entity_id
_entity_poly.type
_entity_poly.pdbx_seq_one_letter_code
_entity_poly.pdbx_strand_id
1 'polypeptide(L)'
;MGSSHHHHHHGSTEEQRFDQRIAQETAIEPQDWMPDAYRKTLIRQIGQHAHSEIVGMLPEGNWITRAPTLRRKAILLAKV
QDEAGHGLYLYSAAETLGCAREDLYQKMLDGQMKYSSIFNYPTLSWADIGVIGWLVDGAAIVNQVALCRTSYGPYARAMV
KICKEESFHQRQGFEACMALAQGNEAQRQMLQDAINRFWWPALMMFGPNDDNSPNSARSMAWKIKLHSNDELRQRFVDNT
VPQVEILGMTVPDPDLQFDEASGHYRFGEIDWQEFNEVISGRGICNHERLAAKRKAWEEGEWVREAALAHAQKQQARSAA
;
A
2 'polypeptide(L)'
;MSKVYWPLYEVFVRSKQGLSHRHVGSLHAADDQMALENARDAYTRRSEGCSIWVVKASEIVASQPEDRSEFFDPAESKVY
RHPTFYTVPDGMEHM
;
B
3 'polypeptide(L)'
;MNNPNPVATYALRLGDNGLVLAQRLGAWCGHAPELEIDLALANIGLDLLGQARNFLSYAAELNGCGDEDTLAFGRDERQY
SNLLLVEQPNGNFADTIARQFFIDVWHVALYSRLVNSRDAQLAAIAAKGLKEVRYHLRFSRGWLERLGNGTELSNRKMQQ
AVDNLWRFTGELFLADEVELSLVEQGIAVDPRELQAEWQSAVHTALLDSGLQIPQEAAFRSGGKQGLHSEHLGPLLAEMQ
YLQRSHPGLQW
;
C
#
# COMPACT_ATOMS: atom_id res chain seq x y z
N SER A 12 33.57 26.73 17.52
CA SER A 12 32.75 27.51 18.44
C SER A 12 32.27 26.60 19.55
N THR A 13 31.76 27.20 20.62
CA THR A 13 31.25 26.44 21.77
C THR A 13 30.05 25.58 21.38
N GLU A 14 29.18 26.12 20.52
CA GLU A 14 28.11 25.34 19.91
C GLU A 14 28.63 24.09 19.18
N GLU A 15 29.65 24.28 18.35
CA GLU A 15 30.25 23.22 17.53
C GLU A 15 30.93 22.16 18.40
N GLN A 16 31.63 22.61 19.44
CA GLN A 16 32.36 21.70 20.33
C GLN A 16 31.39 20.84 21.16
N ARG A 17 30.37 21.48 21.72
CA ARG A 17 29.30 20.79 22.46
C ARG A 17 28.67 19.68 21.62
N PHE A 18 28.36 20.01 20.36
CA PHE A 18 27.82 19.02 19.43
C PHE A 18 28.78 17.84 19.22
N ASP A 19 30.06 18.11 18.95
CA ASP A 19 31.03 17.03 18.71
C ASP A 19 31.12 16.11 19.92
N GLN A 20 31.02 16.70 21.11
CA GLN A 20 31.05 15.94 22.36
C GLN A 20 29.80 15.11 22.57
N ARG A 21 28.64 15.66 22.18
CA ARG A 21 27.38 14.91 22.28
C ARG A 21 27.40 13.70 21.33
N ILE A 22 27.95 13.90 20.14
CA ILE A 22 28.10 12.80 19.19
C ILE A 22 29.02 11.70 19.72
N ALA A 23 30.17 12.09 20.27
CA ALA A 23 31.14 11.15 20.81
C ALA A 23 30.56 10.29 21.93
N GLN A 24 29.67 10.87 22.73
CA GLN A 24 29.10 10.15 23.88
C GLN A 24 27.82 9.38 23.55
N GLU A 25 27.43 9.41 22.27
CA GLU A 25 26.25 8.71 21.75
C GLU A 25 24.92 9.21 22.32
N THR A 26 24.84 10.51 22.60
CA THR A 26 23.59 11.10 23.06
C THR A 26 22.78 11.48 21.84
N ALA A 27 21.55 10.99 21.73
CA ALA A 27 20.70 11.27 20.57
C ALA A 27 20.50 12.77 20.36
N ILE A 28 20.73 13.23 19.12
CA ILE A 28 20.37 14.59 18.74
C ILE A 28 18.86 14.67 18.48
N GLU A 29 18.24 15.70 19.03
CA GLU A 29 16.79 15.88 18.98
C GLU A 29 16.47 17.19 18.26
N PRO A 30 15.23 17.35 17.76
CA PRO A 30 14.93 18.44 16.83
C PRO A 30 15.24 19.85 17.36
N GLN A 31 15.24 20.02 18.69
CA GLN A 31 15.46 21.30 19.35
C GLN A 31 16.91 21.55 19.75
N ASP A 32 17.76 20.54 19.60
CA ASP A 32 19.19 20.70 19.87
C ASP A 32 19.87 21.48 18.73
N TRP A 33 20.95 22.18 19.06
CA TRP A 33 21.77 22.80 18.02
C TRP A 33 22.43 21.70 17.20
N MET A 34 22.63 21.96 15.91
CA MET A 34 23.35 21.03 15.05
C MET A 34 24.02 21.86 13.97
N PRO A 35 25.20 21.43 13.51
CA PRO A 35 25.81 22.06 12.35
C PRO A 35 24.85 22.07 11.17
N ASP A 36 24.80 23.20 10.46
CA ASP A 36 23.91 23.35 9.31
C ASP A 36 24.15 22.27 8.25
N ALA A 37 25.37 21.75 8.18
CA ALA A 37 25.72 20.71 7.21
C ALA A 37 25.18 19.35 7.63
N TYR A 38 25.02 19.17 8.95
CA TYR A 38 24.42 17.99 9.57
C TYR A 38 22.90 17.98 9.36
N ARG A 39 22.25 19.10 9.68
CA ARG A 39 20.83 19.32 9.35
C ARG A 39 20.49 19.02 7.88
N LYS A 40 21.28 19.58 6.96
CA LYS A 40 21.07 19.45 5.53
C LYS A 40 21.35 18.06 4.95
N THR A 41 22.37 17.38 5.47
CA THR A 41 22.66 16.05 4.99
C THR A 41 21.60 15.04 5.48
N LEU A 42 20.96 15.36 6.59
CA LEU A 42 19.88 14.51 7.09
C LEU A 42 18.55 14.77 6.36
N ILE A 43 18.29 16.03 5.99
CA ILE A 43 17.15 16.35 5.13
C ILE A 43 17.35 15.65 3.79
N ARG A 44 18.55 15.75 3.24
CA ARG A 44 18.95 15.02 2.06
C ARG A 44 18.67 13.51 2.23
N GLN A 45 19.31 12.89 3.22
CA GLN A 45 19.26 11.43 3.38
C GLN A 45 17.89 10.87 3.80
N ILE A 46 17.28 11.48 4.83
CA ILE A 46 15.96 11.02 5.31
C ILE A 46 14.88 11.25 4.23
N GLY A 47 15.02 12.39 3.52
CA GLY A 47 14.09 12.77 2.46
C GLY A 47 14.17 11.81 1.29
N GLN A 48 15.38 11.43 0.90
CA GLN A 48 15.56 10.50 -0.20
C GLN A 48 15.22 9.05 0.21
N HIS A 49 15.31 8.77 1.51
CA HIS A 49 14.90 7.48 2.07
C HIS A 49 13.38 7.41 1.97
N ALA A 50 12.70 8.51 2.32
CA ALA A 50 11.25 8.64 2.23
C ALA A 50 10.77 8.59 0.78
N HIS A 51 11.46 9.31 -0.11
CA HIS A 51 11.17 9.26 -1.55
C HIS A 51 11.20 7.83 -2.06
N SER A 52 12.18 7.06 -1.56
CA SER A 52 12.39 5.67 -2.00
C SER A 52 11.21 4.77 -1.65
N GLU A 53 10.61 4.97 -0.49
CA GLU A 53 9.44 4.18 -0.08
C GLU A 53 8.27 4.38 -1.02
N ILE A 54 8.12 5.61 -1.52
CA ILE A 54 7.07 6.00 -2.43
C ILE A 54 7.30 5.45 -3.83
N VAL A 55 8.46 5.73 -4.40
CA VAL A 55 8.76 5.22 -5.73
C VAL A 55 8.83 3.69 -5.70
N GLY A 56 9.27 3.14 -4.58
CA GLY A 56 9.37 1.68 -4.39
C GLY A 56 8.07 0.94 -4.44
N MET A 57 6.97 1.67 -4.28
CA MET A 57 5.64 1.05 -4.45
C MET A 57 5.38 0.61 -5.89
N LEU A 58 6.07 1.22 -6.85
CA LEU A 58 5.73 1.05 -8.26
C LEU A 58 6.22 -0.25 -8.93
N PRO A 59 7.47 -0.66 -8.70
CA PRO A 59 7.89 -1.91 -9.35
C PRO A 59 7.06 -3.11 -8.87
N GLU A 60 6.81 -3.20 -7.57
CA GLU A 60 6.03 -4.29 -6.98
C GLU A 60 4.56 -4.15 -7.27
N GLY A 61 4.10 -2.90 -7.24
CA GLY A 61 2.71 -2.59 -7.53
C GLY A 61 2.34 -2.99 -8.93
N ASN A 62 3.34 -2.96 -9.82
CA ASN A 62 3.19 -3.38 -11.19
C ASN A 62 2.54 -4.79 -11.29
N TRP A 63 2.76 -5.63 -10.27
CA TRP A 63 2.28 -7.03 -10.27
C TRP A 63 1.09 -7.35 -9.36
N ILE A 64 0.54 -6.34 -8.72
CA ILE A 64 -0.59 -6.55 -7.82
C ILE A 64 -1.79 -7.21 -8.51
N THR A 65 -2.17 -6.68 -9.67
CA THR A 65 -3.29 -7.21 -10.46
C THR A 65 -2.96 -8.56 -11.13
N ARG A 66 -1.69 -8.92 -11.19
CA ARG A 66 -1.29 -10.15 -11.86
C ARG A 66 -0.81 -11.31 -10.96
N ALA A 67 -0.78 -11.08 -9.66
CA ALA A 67 -0.23 -12.06 -8.71
C ALA A 67 -1.00 -13.38 -8.80
N PRO A 68 -0.28 -14.51 -8.88
CA PRO A 68 -0.81 -15.82 -9.25
C PRO A 68 -1.76 -16.49 -8.25
N THR A 69 -1.66 -16.15 -6.97
CA THR A 69 -2.64 -16.68 -6.03
C THR A 69 -3.21 -15.54 -5.21
N LEU A 70 -4.37 -15.76 -4.60
CA LEU A 70 -4.98 -14.76 -3.72
C LEU A 70 -4.13 -14.46 -2.47
N ARG A 71 -3.47 -15.49 -1.94
CA ARG A 71 -2.58 -15.34 -0.78
C ARG A 71 -1.39 -14.45 -1.11
N ARG A 72 -0.70 -14.72 -2.21
CA ARG A 72 0.43 -13.90 -2.61
C ARG A 72 0.01 -12.48 -2.97
N LYS A 73 -1.19 -12.33 -3.53
CA LYS A 73 -1.75 -11.02 -3.84
C LYS A 73 -2.06 -10.20 -2.59
N ALA A 74 -2.63 -10.85 -1.58
CA ALA A 74 -2.90 -10.22 -0.30
C ALA A 74 -1.61 -9.82 0.41
N ILE A 75 -0.58 -10.65 0.35
CA ILE A 75 0.71 -10.31 0.97
C ILE A 75 1.29 -9.07 0.30
N LEU A 76 1.31 -9.07 -1.03
CA LEU A 76 1.84 -7.91 -1.81
C LEU A 76 1.10 -6.60 -1.53
N LEU A 77 -0.22 -6.67 -1.45
CA LEU A 77 -1.04 -5.50 -1.11
C LEU A 77 -0.67 -4.95 0.27
N ALA A 78 -0.56 -5.81 1.27
CA ALA A 78 -0.10 -5.43 2.61
C ALA A 78 1.28 -4.79 2.60
N LYS A 79 2.20 -5.38 1.84
CA LYS A 79 3.56 -4.89 1.74
C LYS A 79 3.62 -3.47 1.12
N VAL A 80 2.88 -3.27 0.04
CA VAL A 80 2.86 -1.97 -0.61
C VAL A 80 2.22 -0.92 0.32
N GLN A 81 1.22 -1.36 1.09
CA GLN A 81 0.58 -0.49 2.06
C GLN A 81 1.57 -0.13 3.19
N ASP A 82 2.37 -1.10 3.61
CA ASP A 82 3.37 -0.87 4.64
C ASP A 82 4.42 0.15 4.17
N GLU A 83 4.89 -0.02 2.94
CA GLU A 83 5.81 0.92 2.26
C GLU A 83 5.33 2.37 2.27
N ALA A 84 4.05 2.57 2.00
CA ALA A 84 3.43 3.88 2.04
C ALA A 84 3.51 4.47 3.44
N GLY A 85 3.27 3.62 4.43
CA GLY A 85 3.32 4.01 5.84
C GLY A 85 4.73 4.31 6.27
N HIS A 86 5.69 3.54 5.76
CA HIS A 86 7.09 3.85 6.01
C HIS A 86 7.52 5.18 5.43
N GLY A 87 6.99 5.54 4.26
CA GLY A 87 7.23 6.85 3.63
C GLY A 87 6.77 7.98 4.55
N LEU A 88 5.56 7.85 5.07
CA LEU A 88 4.99 8.83 5.98
C LEU A 88 5.82 9.00 7.24
N TYR A 89 6.27 7.88 7.83
CA TYR A 89 7.13 7.92 9.02
C TYR A 89 8.38 8.73 8.70
N LEU A 90 8.95 8.48 7.52
CA LEU A 90 10.19 9.14 7.15
C LEU A 90 9.99 10.61 6.82
N TYR A 91 8.90 10.97 6.18
CA TYR A 91 8.58 12.39 5.96
C TYR A 91 8.40 13.18 7.27
N SER A 92 7.73 12.58 8.25
CA SER A 92 7.63 13.17 9.59
C SER A 92 9.00 13.44 10.19
N ALA A 93 9.89 12.46 10.11
CA ALA A 93 11.21 12.57 10.70
C ALA A 93 12.01 13.67 10.02
N ALA A 94 11.89 13.74 8.69
CA ALA A 94 12.61 14.75 7.92
C ALA A 94 12.10 16.15 8.27
N GLU A 95 10.78 16.28 8.41
CA GLU A 95 10.17 17.55 8.84
C GLU A 95 10.65 18.05 10.22
N THR A 96 10.98 17.16 11.16
CA THR A 96 11.54 17.62 12.46
C THR A 96 12.80 18.48 12.24
N LEU A 97 13.44 18.29 11.10
CA LEU A 97 14.64 19.05 10.75
C LEU A 97 14.27 20.39 10.10
N GLY A 98 12.98 20.63 9.94
CA GLY A 98 12.53 21.94 9.48
C GLY A 98 12.22 22.05 8.00
N CYS A 99 12.33 20.95 7.26
CA CYS A 99 11.92 20.96 5.85
C CYS A 99 10.42 20.69 5.75
N ALA A 100 9.86 20.84 4.56
CA ALA A 100 8.45 20.54 4.32
C ALA A 100 8.32 19.35 3.40
N ARG A 101 7.52 18.36 3.79
CA ARG A 101 7.18 17.20 2.97
C ARG A 101 6.84 17.60 1.52
N GLU A 102 5.92 18.52 1.38
CA GLU A 102 5.52 18.97 0.08
C GLU A 102 6.65 19.52 -0.79
N ASP A 103 7.55 20.27 -0.22
CA ASP A 103 8.70 20.80 -0.94
C ASP A 103 9.74 19.75 -1.38
N LEU A 104 10.11 18.86 -0.48
CA LEU A 104 11.02 17.79 -0.85
C LEU A 104 10.38 16.81 -1.83
N TYR A 105 9.09 16.59 -1.70
CA TYR A 105 8.39 15.77 -2.68
C TYR A 105 8.45 16.38 -4.10
N GLN A 106 8.26 17.69 -4.16
CA GLN A 106 8.32 18.44 -5.41
C GLN A 106 9.74 18.34 -6.03
N LYS A 107 10.77 18.43 -5.19
CA LYS A 107 12.16 18.25 -5.64
C LYS A 107 12.37 16.84 -6.19
N MET A 108 11.77 15.86 -5.52
CA MET A 108 11.77 14.50 -6.03
C MET A 108 11.14 14.42 -7.43
N LEU A 109 9.95 15.00 -7.60
CA LEU A 109 9.27 14.99 -8.90
C LEU A 109 10.08 15.64 -10.03
N ASP A 110 10.80 16.73 -9.69
CA ASP A 110 11.59 17.53 -10.64
C ASP A 110 12.97 16.91 -10.91
N GLY A 111 13.35 15.91 -10.12
CA GLY A 111 14.65 15.24 -10.25
C GLY A 111 15.80 15.91 -9.49
N GLN A 112 15.46 16.78 -8.55
CA GLN A 112 16.46 17.48 -7.73
C GLN A 112 16.79 16.75 -6.42
N MET A 113 15.93 15.82 -6.02
CA MET A 113 16.30 14.82 -5.01
C MET A 113 16.20 13.43 -5.61
N LYS A 114 17.06 12.54 -5.13
CA LYS A 114 17.15 11.16 -5.57
C LYS A 114 16.17 10.25 -4.81
N TYR A 115 16.07 9.02 -5.28
CA TYR A 115 15.44 7.93 -4.56
C TYR A 115 16.32 6.74 -4.94
N SER A 116 16.13 5.61 -4.27
CA SER A 116 17.01 4.45 -4.43
C SER A 116 17.10 3.91 -5.85
N SER A 117 18.34 3.66 -6.27
CA SER A 117 18.65 3.22 -7.60
C SER A 117 17.83 1.99 -7.99
N ILE A 118 17.51 1.19 -7.00
CA ILE A 118 16.87 -0.12 -7.20
C ILE A 118 15.50 -0.03 -7.88
N PHE A 119 14.79 1.07 -7.65
CA PHE A 119 13.43 1.20 -8.17
C PHE A 119 13.31 1.63 -9.64
N ASN A 120 14.46 1.67 -10.31
CA ASN A 120 14.50 2.01 -11.71
C ASN A 120 14.64 0.74 -12.53
N TYR A 121 14.41 -0.40 -11.91
CA TYR A 121 14.48 -1.69 -12.59
C TYR A 121 13.08 -2.25 -12.73
N PRO A 122 12.80 -2.86 -13.88
CA PRO A 122 11.43 -3.29 -14.20
C PRO A 122 11.10 -4.66 -13.64
N THR A 123 9.85 -4.83 -13.23
CA THR A 123 9.36 -6.16 -12.89
C THR A 123 8.83 -6.90 -14.12
N LEU A 124 9.63 -7.84 -14.59
CA LEU A 124 9.35 -8.54 -15.83
C LEU A 124 8.73 -9.92 -15.65
N SER A 125 8.53 -10.31 -14.41
CA SER A 125 7.94 -11.62 -14.10
C SER A 125 7.46 -11.64 -12.67
N TRP A 126 6.64 -12.64 -12.33
CA TRP A 126 6.18 -12.74 -10.94
C TRP A 126 7.35 -13.03 -9.99
N ALA A 127 8.33 -13.84 -10.45
CA ALA A 127 9.51 -14.13 -9.63
C ALA A 127 10.23 -12.87 -9.13
N ASP A 128 10.28 -11.82 -9.96
CA ASP A 128 10.86 -10.52 -9.59
C ASP A 128 10.23 -9.97 -8.31
N ILE A 129 8.97 -10.28 -8.06
CA ILE A 129 8.30 -9.78 -6.86
C ILE A 129 8.85 -10.46 -5.60
N GLY A 130 9.06 -11.77 -5.67
CA GLY A 130 9.61 -12.51 -4.52
C GLY A 130 11.06 -12.11 -4.31
N VAL A 131 11.78 -11.95 -5.41
CA VAL A 131 13.17 -11.53 -5.36
C VAL A 131 13.37 -10.12 -4.76
N ILE A 132 12.44 -9.21 -5.05
CA ILE A 132 12.49 -7.87 -4.46
C ILE A 132 12.27 -7.94 -2.94
N GLY A 133 11.25 -8.70 -2.53
CA GLY A 133 10.97 -8.89 -1.12
C GLY A 133 12.19 -9.48 -0.42
N TRP A 134 12.80 -10.47 -1.03
CA TRP A 134 13.96 -11.14 -0.47
C TRP A 134 15.26 -10.31 -0.50
N LEU A 135 15.71 -9.91 -1.69
CA LEU A 135 16.99 -9.20 -1.84
C LEU A 135 16.91 -7.72 -1.56
N VAL A 136 15.88 -7.07 -2.11
CA VAL A 136 15.75 -5.63 -2.01
C VAL A 136 15.38 -5.20 -0.60
N ASP A 137 14.35 -5.82 0.00
CA ASP A 137 14.05 -5.58 1.40
C ASP A 137 15.18 -6.11 2.28
N GLY A 138 15.84 -7.20 1.84
CA GLY A 138 17.04 -7.72 2.52
C GLY A 138 18.13 -6.67 2.65
N ALA A 139 18.46 -5.99 1.55
CA ALA A 139 19.49 -4.96 1.55
C ALA A 139 19.00 -3.77 2.38
N ALA A 140 17.71 -3.43 2.23
CA ALA A 140 17.12 -2.35 3.02
C ALA A 140 17.27 -2.61 4.52
N ILE A 141 16.94 -3.81 4.95
CA ILE A 141 17.00 -4.18 6.36
C ILE A 141 18.42 -4.06 6.96
N VAL A 142 19.43 -4.58 6.27
CA VAL A 142 20.82 -4.46 6.71
C VAL A 142 21.18 -2.96 6.93
N ASN A 143 20.87 -2.14 5.94
CA ASN A 143 21.10 -0.70 5.99
C ASN A 143 20.35 -0.05 7.15
N GLN A 144 19.08 -0.40 7.27
CA GLN A 144 18.22 0.22 8.26
C GLN A 144 18.49 -0.22 9.69
N VAL A 145 18.84 -1.49 9.87
CA VAL A 145 19.22 -1.97 11.21
C VAL A 145 20.50 -1.25 11.66
N ALA A 146 21.44 -1.05 10.72
CA ALA A 146 22.67 -0.29 10.98
C ALA A 146 22.40 1.16 11.37
N LEU A 147 21.25 1.69 10.97
CA LEU A 147 20.86 3.07 11.23
C LEU A 147 20.01 3.24 12.50
N CYS A 148 19.68 2.12 13.16
CA CYS A 148 18.97 2.14 14.44
C CYS A 148 19.81 2.81 15.55
N ARG A 149 21.10 2.95 15.32
CA ARG A 149 21.99 3.76 16.18
C ARG A 149 22.52 5.03 15.46
N THR A 150 21.86 5.42 14.36
CA THR A 150 22.15 6.72 13.74
C THR A 150 22.00 7.79 14.84
N SER A 151 22.76 8.88 14.75
CA SER A 151 22.86 9.87 15.82
C SER A 151 21.64 10.76 16.01
N TYR A 152 20.84 10.92 14.96
CA TYR A 152 19.66 11.79 15.07
C TYR A 152 18.42 10.99 15.45
N GLY A 153 17.84 11.35 16.61
CA GLY A 153 16.86 10.54 17.31
C GLY A 153 15.64 10.13 16.49
N PRO A 154 14.93 11.13 15.94
CA PRO A 154 13.81 10.88 15.05
C PRO A 154 14.13 9.87 13.94
N TYR A 155 15.32 9.94 13.37
CA TYR A 155 15.72 9.01 12.32
C TYR A 155 15.90 7.59 12.86
N ALA A 156 16.70 7.46 13.92
CA ALA A 156 16.92 6.20 14.60
C ALA A 156 15.62 5.55 15.05
N ARG A 157 14.69 6.32 15.60
CA ARG A 157 13.39 5.78 16.05
C ARG A 157 12.47 5.39 14.89
N ALA A 158 12.54 6.13 13.78
CA ALA A 158 11.87 5.71 12.55
C ALA A 158 12.39 4.36 12.05
N MET A 159 13.70 4.12 12.13
CA MET A 159 14.33 2.87 11.69
C MET A 159 13.89 1.68 12.55
N VAL A 160 13.78 1.91 13.85
CA VAL A 160 13.30 0.89 14.77
C VAL A 160 11.87 0.49 14.42
N LYS A 161 10.99 1.48 14.23
CA LYS A 161 9.57 1.24 13.92
C LYS A 161 9.40 0.45 12.64
N ILE A 162 10.23 0.75 11.65
CA ILE A 162 10.10 0.23 10.30
C ILE A 162 10.64 -1.19 10.16
N CYS A 163 11.76 -1.48 10.80
CA CYS A 163 12.43 -2.78 10.61
C CYS A 163 11.61 -3.93 11.18
N LYS A 164 10.84 -3.61 12.21
CA LYS A 164 9.91 -4.54 12.83
C LYS A 164 8.89 -5.03 11.81
N GLU A 165 8.26 -4.11 11.09
CA GLU A 165 7.28 -4.46 10.05
C GLU A 165 7.94 -5.10 8.83
N GLU A 166 9.07 -4.53 8.41
CA GLU A 166 9.71 -4.90 7.16
C GLU A 166 10.37 -6.28 7.13
N SER A 167 10.89 -6.75 8.26
CA SER A 167 11.52 -8.07 8.27
C SER A 167 10.49 -9.19 8.02
N PHE A 168 9.25 -8.97 8.46
CA PHE A 168 8.13 -9.86 8.10
C PHE A 168 7.99 -10.01 6.58
N HIS A 169 7.91 -8.87 5.88
CA HIS A 169 7.71 -8.89 4.43
C HIS A 169 8.91 -9.44 3.67
N GLN A 170 10.11 -9.22 4.20
CA GLN A 170 11.29 -9.86 3.63
C GLN A 170 11.21 -11.42 3.70
N ARG A 171 10.80 -11.92 4.85
CA ARG A 171 10.55 -13.35 5.06
C ARG A 171 9.47 -13.85 4.08
N GLN A 172 8.38 -13.12 3.95
CA GLN A 172 7.33 -13.49 3.01
C GLN A 172 7.83 -13.54 1.55
N GLY A 173 8.74 -12.64 1.18
CA GLY A 173 9.31 -12.64 -0.16
C GLY A 173 10.23 -13.81 -0.37
N PHE A 174 11.02 -14.14 0.64
CA PHE A 174 11.83 -15.34 0.58
C PHE A 174 10.95 -16.61 0.46
N GLU A 175 9.82 -16.63 1.16
CA GLU A 175 8.91 -17.79 1.09
C GLU A 175 8.30 -17.95 -0.32
N ALA A 176 8.00 -16.82 -0.96
CA ALA A 176 7.55 -16.80 -2.37
C ALA A 176 8.63 -17.34 -3.29
N CYS A 177 9.88 -16.93 -3.06
CA CYS A 177 11.04 -17.51 -3.75
C CYS A 177 11.20 -19.03 -3.53
N MET A 178 11.04 -19.48 -2.29
CA MET A 178 11.11 -20.91 -1.99
C MET A 178 10.03 -21.74 -2.73
N ALA A 179 8.81 -21.21 -2.82
CA ALA A 179 7.76 -21.87 -3.57
C ALA A 179 8.19 -22.13 -5.03
N LEU A 180 8.71 -21.10 -5.71
CA LEU A 180 9.30 -21.28 -7.02
C LEU A 180 10.49 -22.26 -7.03
N ALA A 181 11.39 -22.14 -6.04
CA ALA A 181 12.56 -23.02 -5.97
C ALA A 181 12.20 -24.50 -5.78
N GLN A 182 11.03 -24.78 -5.21
CA GLN A 182 10.56 -26.15 -4.98
C GLN A 182 9.49 -26.59 -5.99
N GLY A 183 9.17 -25.72 -6.95
CA GLY A 183 8.08 -25.96 -7.87
C GLY A 183 8.52 -26.60 -9.15
N ASN A 184 7.84 -26.28 -10.24
CA ASN A 184 8.12 -26.86 -11.56
C ASN A 184 9.43 -26.30 -12.08
N GLU A 185 9.98 -26.95 -13.11
CA GLU A 185 11.15 -26.45 -13.81
C GLU A 185 10.96 -25.00 -14.32
N ALA A 186 9.80 -24.69 -14.90
CA ALA A 186 9.53 -23.32 -15.37
C ALA A 186 9.58 -22.30 -14.22
N GLN A 187 9.04 -22.67 -13.06
CA GLN A 187 9.13 -21.83 -11.86
C GLN A 187 10.58 -21.62 -11.38
N ARG A 188 11.38 -22.69 -11.36
CA ARG A 188 12.80 -22.59 -10.97
C ARG A 188 13.56 -21.65 -11.89
N GLN A 189 13.32 -21.78 -13.19
CA GLN A 189 13.95 -20.92 -14.19
C GLN A 189 13.54 -19.45 -14.06
N MET A 190 12.27 -19.23 -13.77
CA MET A 190 11.75 -17.89 -13.54
C MET A 190 12.51 -17.24 -12.39
N LEU A 191 12.64 -17.97 -11.29
CA LEU A 191 13.39 -17.51 -10.13
C LEU A 191 14.84 -17.16 -10.48
N GLN A 192 15.55 -18.06 -11.15
CA GLN A 192 16.94 -17.80 -11.47
C GLN A 192 17.09 -16.53 -12.33
N ASP A 193 16.22 -16.37 -13.32
CA ASP A 193 16.27 -15.20 -14.19
C ASP A 193 16.07 -13.91 -13.41
N ALA A 194 15.10 -13.93 -12.48
CA ALA A 194 14.84 -12.79 -11.60
C ALA A 194 16.05 -12.42 -10.72
N ILE A 195 16.67 -13.43 -10.12
CA ILE A 195 17.95 -13.27 -9.39
C ILE A 195 19.06 -12.72 -10.31
N ASN A 196 19.20 -13.30 -11.49
CA ASN A 196 20.22 -12.82 -12.43
C ASN A 196 20.05 -11.32 -12.76
N ARG A 197 18.81 -10.85 -12.73
CA ARG A 197 18.52 -9.47 -13.09
C ARG A 197 18.54 -8.51 -11.90
N PHE A 198 18.27 -9.02 -10.70
CA PHE A 198 18.21 -8.16 -9.52
C PHE A 198 19.40 -8.21 -8.55
N TRP A 199 20.32 -9.15 -8.74
CA TRP A 199 21.46 -9.34 -7.81
C TRP A 199 22.36 -8.10 -7.69
N TRP A 200 22.90 -7.64 -8.80
CA TRP A 200 23.82 -6.49 -8.78
C TRP A 200 23.13 -5.17 -8.40
N PRO A 201 21.93 -4.90 -8.95
CA PRO A 201 21.08 -3.80 -8.47
C PRO A 201 20.85 -3.77 -6.97
N ALA A 202 20.65 -4.92 -6.36
CA ALA A 202 20.50 -5.00 -4.90
C ALA A 202 21.81 -4.62 -4.18
N LEU A 203 22.95 -5.09 -4.70
CA LEU A 203 24.26 -4.70 -4.13
C LEU A 203 24.56 -3.21 -4.23
N MET A 204 24.01 -2.57 -5.26
CA MET A 204 24.27 -1.15 -5.49
C MET A 204 23.48 -0.26 -4.52
N MET A 205 22.43 -0.81 -3.91
CA MET A 205 21.65 -0.08 -2.91
C MET A 205 22.50 0.41 -1.73
N PHE A 206 23.61 -0.28 -1.45
CA PHE A 206 24.53 0.15 -0.39
C PHE A 206 25.36 1.40 -0.68
N GLY A 207 25.40 1.81 -1.94
CA GLY A 207 25.99 3.10 -2.34
C GLY A 207 27.33 2.82 -2.99
N PRO A 208 28.06 3.88 -3.36
CA PRO A 208 29.40 3.71 -3.95
C PRO A 208 30.43 3.10 -2.99
N ASN A 209 31.56 2.63 -3.54
CA ASN A 209 32.76 2.23 -2.76
C ASN A 209 33.17 3.27 -1.73
N ASP A 210 33.91 2.84 -0.71
CA ASP A 210 34.31 3.72 0.40
C ASP A 210 35.28 4.87 0.03
N ASP A 211 36.02 4.73 -1.07
CA ASP A 211 36.82 5.85 -1.56
C ASP A 211 36.20 6.62 -2.74
N ASN A 212 34.94 6.31 -3.08
CA ASN A 212 34.18 7.08 -4.06
C ASN A 212 32.88 7.59 -3.44
N SER A 213 32.93 7.92 -2.15
CA SER A 213 31.73 8.24 -1.39
C SER A 213 31.83 9.62 -0.73
N PRO A 214 31.39 10.68 -1.42
CA PRO A 214 31.57 12.07 -0.92
C PRO A 214 31.00 12.37 0.48
N ASN A 215 29.85 11.80 0.80
CA ASN A 215 29.18 12.10 2.06
N SER A 216 30.52 10.29 3.04
CA SER A 216 30.90 9.36 4.11
C SER A 216 31.78 9.95 5.22
N ALA A 217 32.74 10.81 4.84
CA ALA A 217 33.64 11.44 5.82
C ALA A 217 32.85 12.10 6.94
N ARG A 218 32.00 13.06 6.58
CA ARG A 218 31.14 13.77 7.55
C ARG A 218 30.09 12.88 8.20
N SER A 219 29.45 12.01 7.39
CA SER A 219 28.40 11.13 7.90
C SER A 219 28.93 10.16 8.94
N MET A 220 30.12 9.59 8.68
CA MET A 220 30.77 8.72 9.65
C MET A 220 31.17 9.46 10.92
N ALA A 221 31.80 10.62 10.76
CA ALA A 221 32.23 11.48 11.88
C ALA A 221 31.07 11.90 12.78
N TRP A 222 29.95 12.27 12.15
CA TRP A 222 28.78 12.76 12.86
C TRP A 222 27.86 11.61 13.27
N LYS A 223 28.37 10.38 13.05
CA LYS A 223 27.68 9.13 13.40
C LYS A 223 26.28 8.97 12.77
N ILE A 224 26.15 9.47 11.54
CA ILE A 224 24.91 9.33 10.79
C ILE A 224 25.01 7.95 10.20
N LYS A 225 26.13 7.70 9.56
CA LYS A 225 26.47 6.40 9.03
C LYS A 225 27.34 5.71 10.08
N LEU A 226 26.90 4.54 10.53
CA LEU A 226 27.59 3.77 11.55
C LEU A 226 28.54 2.72 10.95
N HIS A 227 28.24 2.24 9.74
CA HIS A 227 29.15 1.33 9.00
C HIS A 227 29.30 1.83 7.57
N SER A 228 30.43 1.55 6.94
CA SER A 228 30.67 2.04 5.60
C SER A 228 29.82 1.26 4.57
N ASN A 229 29.54 1.89 3.43
CA ASN A 229 28.85 1.25 2.32
C ASN A 229 29.40 -0.16 2.06
N ASP A 230 30.72 -0.24 1.96
CA ASP A 230 31.40 -1.49 1.66
C ASP A 230 31.23 -2.49 2.80
N GLU A 231 31.21 -2.00 4.04
CA GLU A 231 31.00 -2.85 5.21
C GLU A 231 29.60 -3.46 5.20
N LEU A 232 28.58 -2.63 5.00
CA LEU A 232 27.22 -3.17 4.92
C LEU A 232 27.01 -4.15 3.76
N ARG A 233 27.51 -3.78 2.57
CA ARG A 233 27.41 -4.62 1.37
C ARG A 233 28.03 -6.00 1.58
N GLN A 234 29.21 -6.05 2.22
CA GLN A 234 29.89 -7.31 2.55
C GLN A 234 29.05 -8.16 3.51
N ARG A 235 28.42 -7.52 4.45
CA ARG A 235 27.58 -8.22 5.36
C ARG A 235 26.30 -8.78 4.70
N PHE A 236 25.68 -8.01 3.83
CA PHE A 236 24.62 -8.51 2.96
C PHE A 236 25.07 -9.71 2.15
N VAL A 237 26.20 -9.62 1.45
CA VAL A 237 26.70 -10.76 0.66
C VAL A 237 26.91 -11.99 1.55
N ASP A 238 27.63 -11.84 2.67
CA ASP A 238 27.84 -12.92 3.64
C ASP A 238 26.53 -13.57 4.16
N ASN A 239 25.52 -12.74 4.47
CA ASN A 239 24.25 -13.25 4.99
C ASN A 239 23.37 -13.89 3.90
N THR A 240 23.44 -13.33 2.68
CA THR A 240 22.55 -13.71 1.59
C THR A 240 23.04 -14.90 0.77
N VAL A 241 24.34 -15.03 0.58
CA VAL A 241 24.83 -16.16 -0.22
C VAL A 241 24.25 -17.52 0.24
N PRO A 242 24.27 -17.81 1.56
CA PRO A 242 23.65 -19.04 2.07
C PRO A 242 22.14 -19.16 1.83
N GLN A 243 21.44 -18.04 1.74
CA GLN A 243 20.03 -18.06 1.35
C GLN A 243 19.87 -18.42 -0.13
N VAL A 244 20.77 -17.95 -0.98
CA VAL A 244 20.77 -18.37 -2.38
C VAL A 244 20.97 -19.89 -2.49
N GLU A 245 21.89 -20.42 -1.70
CA GLU A 245 22.16 -21.85 -1.61
C GLU A 245 20.95 -22.66 -1.17
N ILE A 246 20.24 -22.19 -0.14
CA ILE A 246 18.97 -22.77 0.31
C ILE A 246 17.92 -22.93 -0.78
N LEU A 247 17.90 -22.01 -1.75
CA LEU A 247 16.97 -22.04 -2.87
C LEU A 247 17.48 -22.92 -4.04
N GLY A 248 18.70 -23.44 -3.90
CA GLY A 248 19.33 -24.21 -4.97
C GLY A 248 19.63 -23.36 -6.18
N MET A 249 19.84 -22.06 -5.97
CA MET A 249 20.03 -21.11 -7.07
C MET A 249 21.50 -20.68 -7.19
N THR A 250 21.81 -19.91 -8.23
CA THR A 250 23.13 -19.33 -8.41
C THR A 250 23.10 -17.81 -8.33
N VAL A 251 24.30 -17.26 -8.13
CA VAL A 251 24.59 -15.82 -8.19
C VAL A 251 25.29 -15.54 -9.52
N PRO A 252 24.84 -14.50 -10.25
CA PRO A 252 25.50 -14.10 -11.51
C PRO A 252 26.86 -13.42 -11.28
N ASP A 253 27.75 -14.12 -10.56
CA ASP A 253 29.07 -13.59 -10.18
C ASP A 253 30.14 -14.68 -10.24
N PRO A 254 30.84 -14.76 -11.40
CA PRO A 254 31.96 -15.68 -11.64
C PRO A 254 33.11 -15.46 -10.68
N ASP A 255 33.14 -14.30 -10.03
CA ASP A 255 34.22 -13.99 -9.12
C ASP A 255 33.85 -14.24 -7.64
N LEU A 256 32.59 -14.57 -7.37
CA LEU A 256 32.17 -14.90 -6.01
C LEU A 256 32.82 -16.21 -5.53
N GLN A 257 33.44 -16.16 -4.36
CA GLN A 257 34.04 -17.32 -3.70
C GLN A 257 34.25 -17.03 -2.22
N PHE A 258 34.25 -18.08 -1.42
CA PHE A 258 34.53 -17.92 -0.01
C PHE A 258 36.05 -17.87 0.22
N ASP A 259 36.44 -16.89 1.04
CA ASP A 259 37.82 -16.76 1.48
C ASP A 259 37.90 -17.23 2.93
N GLU A 260 38.39 -18.45 3.13
CA GLU A 260 38.46 -19.06 4.48
C GLU A 260 39.33 -18.21 5.42
N ALA A 261 40.40 -17.65 4.86
CA ALA A 261 41.30 -16.80 5.59
C ALA A 261 40.56 -15.65 6.25
N SER A 262 39.87 -14.83 5.44
CA SER A 262 39.17 -13.65 5.98
C SER A 262 37.86 -13.99 6.69
N GLY A 263 37.22 -15.10 6.31
CA GLY A 263 35.91 -15.47 6.85
C GLY A 263 34.75 -14.79 6.12
N HIS A 264 35.05 -14.23 4.95
CA HIS A 264 34.07 -13.50 4.14
C HIS A 264 33.95 -14.12 2.76
N TYR A 265 32.82 -13.87 2.11
CA TYR A 265 32.73 -14.07 0.67
C TYR A 265 33.44 -12.93 -0.05
N ARG A 266 34.29 -13.30 -1.00
CA ARG A 266 34.91 -12.33 -1.89
C ARG A 266 34.03 -12.29 -3.13
N PHE A 267 33.70 -11.09 -3.57
CA PHE A 267 32.78 -10.97 -4.71
C PHE A 267 33.26 -9.98 -5.77
N GLY A 268 32.70 -10.13 -6.98
CA GLY A 268 33.10 -9.37 -8.14
C GLY A 268 32.84 -7.88 -8.07
N GLU A 269 33.39 -7.19 -9.06
CA GLU A 269 33.32 -5.75 -9.14
C GLU A 269 31.95 -5.31 -9.65
N ILE A 270 31.37 -4.32 -8.98
CA ILE A 270 30.14 -3.71 -9.44
C ILE A 270 30.37 -2.92 -10.75
N ASP A 271 29.38 -2.95 -11.64
CA ASP A 271 29.37 -2.05 -12.80
C ASP A 271 29.03 -0.64 -12.32
N TRP A 272 30.09 0.12 -11.97
CA TRP A 272 29.95 1.53 -11.53
C TRP A 272 29.50 2.48 -12.62
N GLN A 273 29.68 2.10 -13.89
CA GLN A 273 29.24 2.95 -15.00
C GLN A 273 27.70 2.92 -15.12
N GLU A 274 27.13 1.72 -15.02
CA GLU A 274 25.66 1.58 -14.90
C GLU A 274 25.11 2.35 -13.71
N PHE A 275 25.70 2.16 -12.54
CA PHE A 275 25.24 2.82 -11.30
C PHE A 275 25.15 4.34 -11.45
N ASN A 276 26.19 4.94 -12.02
CA ASN A 276 26.17 6.36 -12.34
C ASN A 276 25.16 6.74 -13.42
N GLU A 277 24.96 5.88 -14.40
CA GLU A 277 23.86 6.14 -15.35
C GLU A 277 22.53 6.18 -14.58
N VAL A 278 22.30 5.18 -13.74
CA VAL A 278 21.03 5.03 -13.05
C VAL A 278 20.70 6.21 -12.11
N ILE A 279 21.64 6.58 -11.25
CA ILE A 279 21.35 7.61 -10.25
C ILE A 279 21.21 8.99 -10.87
N SER A 280 21.79 9.15 -12.06
CA SER A 280 21.62 10.35 -12.88
C SER A 280 20.43 10.35 -13.86
N GLY A 281 19.49 9.42 -13.66
CA GLY A 281 18.20 9.45 -14.36
C GLY A 281 18.14 8.70 -15.66
N ARG A 282 19.18 7.93 -15.96
CA ARG A 282 19.27 7.23 -17.24
C ARG A 282 19.30 5.70 -17.10
N GLY A 283 18.52 5.19 -16.15
CA GLY A 283 18.36 3.76 -15.93
C GLY A 283 17.23 3.22 -16.78
N ILE A 284 16.77 2.02 -16.47
CA ILE A 284 15.77 1.34 -17.29
C ILE A 284 14.40 1.99 -17.14
N CYS A 285 14.01 2.32 -15.90
CA CYS A 285 12.67 2.84 -15.62
C CYS A 285 12.58 4.24 -15.04
N ASN A 286 13.70 4.95 -14.98
CA ASN A 286 13.77 6.28 -14.30
C ASN A 286 12.65 7.21 -14.77
N HIS A 287 12.57 7.38 -16.10
CA HIS A 287 11.56 8.24 -16.74
C HIS A 287 10.12 7.81 -16.43
N GLU A 288 9.83 6.52 -16.60
CA GLU A 288 8.53 5.93 -16.25
C GLU A 288 8.12 6.11 -14.79
N ARG A 289 9.06 5.94 -13.85
CA ARG A 289 8.78 6.11 -12.42
C ARG A 289 8.38 7.54 -12.08
N LEU A 290 9.18 8.50 -12.55
CA LEU A 290 8.91 9.92 -12.28
C LEU A 290 7.68 10.39 -13.03
N ALA A 291 7.49 9.88 -14.25
CA ALA A 291 6.27 10.14 -15.02
C ALA A 291 5.03 9.68 -14.25
N ALA A 292 5.05 8.46 -13.73
CA ALA A 292 3.92 7.94 -12.95
C ALA A 292 3.63 8.82 -11.74
N LYS A 293 4.67 9.20 -11.00
CA LYS A 293 4.51 10.02 -9.79
C LYS A 293 4.05 11.44 -10.13
N ARG A 294 4.60 11.99 -11.22
CA ARG A 294 4.15 13.30 -11.75
C ARG A 294 2.69 13.25 -12.20
N LYS A 295 2.34 12.19 -12.92
CA LYS A 295 0.96 11.99 -13.37
C LYS A 295 0.00 11.88 -12.17
N ALA A 296 0.37 11.13 -11.15
CA ALA A 296 -0.46 11.01 -9.93
C ALA A 296 -0.65 12.37 -9.26
N TRP A 297 0.44 13.13 -9.15
CA TRP A 297 0.42 14.45 -8.53
C TRP A 297 -0.49 15.41 -9.27
N GLU A 298 -0.26 15.56 -10.57
CA GLU A 298 -0.99 16.52 -11.41
C GLU A 298 -2.48 16.19 -11.53
N GLU A 299 -2.79 14.93 -11.88
CA GLU A 299 -4.16 14.45 -12.01
C GLU A 299 -4.92 14.45 -10.71
N GLY A 300 -4.17 14.46 -9.60
CA GLY A 300 -4.79 14.47 -8.29
C GLY A 300 -5.02 15.85 -7.72
N GLU A 301 -4.55 16.88 -8.43
CA GLU A 301 -4.57 18.28 -7.95
C GLU A 301 -5.97 18.71 -7.53
N TRP A 302 -6.94 18.46 -8.40
CA TRP A 302 -8.31 18.82 -8.12
C TRP A 302 -8.85 18.18 -6.85
N VAL A 303 -8.36 16.98 -6.50
CA VAL A 303 -8.78 16.29 -5.27
C VAL A 303 -8.20 17.00 -4.04
N ARG A 304 -6.92 17.35 -4.12
CA ARG A 304 -6.25 18.04 -3.01
C ARG A 304 -6.88 19.42 -2.78
N GLU A 305 -7.16 20.12 -3.88
CA GLU A 305 -7.86 21.42 -3.84
C GLU A 305 -9.28 21.32 -3.28
N ALA A 306 -10.00 20.27 -3.68
CA ALA A 306 -11.29 19.94 -3.09
C ALA A 306 -11.19 19.76 -1.58
N ALA A 307 -10.20 18.97 -1.15
CA ALA A 307 -10.04 18.64 0.27
C ALA A 307 -9.76 19.89 1.11
N LEU A 308 -8.98 20.81 0.53
CA LEU A 308 -8.63 22.07 1.16
C LEU A 308 -9.84 23.00 1.21
N ALA A 309 -10.53 23.16 0.08
CA ALA A 309 -11.73 24.01 0.02
C ALA A 309 -12.83 23.53 0.96
N HIS A 310 -12.93 22.21 1.15
CA HIS A 310 -13.97 21.65 2.02
C HIS A 310 -13.60 21.83 3.49
N ALA A 311 -12.29 21.72 3.77
CA ALA A 311 -11.78 21.83 5.13
C ALA A 311 -12.04 23.24 5.64
N GLN A 312 -11.78 24.21 4.77
CA GLN A 312 -11.89 25.62 5.11
C GLN A 312 -13.31 26.01 5.49
N LYS A 313 -14.30 25.52 4.75
CA LYS A 313 -15.71 25.82 5.01
C LYS A 313 -16.18 25.49 6.45
N LYS B 3 -5.72 23.45 -4.81
CA LYS B 3 -4.86 22.41 -4.17
C LYS B 3 -4.73 22.64 -2.64
N VAL B 4 -5.22 21.68 -1.85
CA VAL B 4 -5.35 21.83 -0.41
C VAL B 4 -4.00 21.93 0.33
N TYR B 5 -4.05 22.40 1.59
CA TYR B 5 -2.90 22.41 2.50
C TYR B 5 -2.85 21.09 3.24
N TRP B 6 -1.63 20.60 3.49
CA TRP B 6 -1.42 19.33 4.17
C TRP B 6 -0.45 19.53 5.33
N PRO B 7 -0.90 20.23 6.37
CA PRO B 7 -0.03 20.51 7.49
C PRO B 7 0.38 19.25 8.27
N LEU B 8 1.38 19.42 9.13
CA LEU B 8 1.95 18.34 9.93
C LEU B 8 1.14 18.15 11.21
N TYR B 9 0.93 16.88 11.58
CA TYR B 9 0.19 16.49 12.79
C TYR B 9 1.05 15.56 13.61
N GLU B 10 1.03 15.72 14.91
CA GLU B 10 1.65 14.74 15.78
C GLU B 10 0.58 13.75 16.24
N VAL B 11 0.98 12.48 16.32
CA VAL B 11 0.06 11.40 16.65
C VAL B 11 0.47 10.77 17.97
N PHE B 12 -0.49 10.63 18.88
CA PHE B 12 -0.29 9.97 20.17
C PHE B 12 -1.30 8.86 20.27
N VAL B 13 -0.85 7.67 20.71
CA VAL B 13 -1.72 6.51 20.84
C VAL B 13 -1.67 5.91 22.25
N ARG B 14 -2.82 5.47 22.75
CA ARG B 14 -2.87 4.68 23.97
C ARG B 14 -3.44 3.34 23.63
N SER B 15 -2.64 2.30 23.81
CA SER B 15 -3.02 0.96 23.43
C SER B 15 -4.12 0.40 24.33
N LYS B 16 -4.66 -0.75 23.95
CA LYS B 16 -5.81 -1.38 24.64
C LYS B 16 -5.55 -1.47 26.13
N GLN B 17 -4.55 -2.26 26.51
CA GLN B 17 -4.18 -2.39 27.92
C GLN B 17 -3.31 -1.21 28.42
N GLY B 18 -3.04 -0.23 27.56
CA GLY B 18 -2.14 0.89 27.87
C GLY B 18 -2.73 1.93 28.82
N LEU B 19 -1.85 2.55 29.62
CA LEU B 19 -2.26 3.51 30.64
C LEU B 19 -2.26 4.95 30.14
N SER B 20 -1.27 5.33 29.34
CA SER B 20 -1.21 6.69 28.81
C SER B 20 -0.93 6.77 27.31
N HIS B 21 -1.21 7.93 26.72
CA HIS B 21 -0.95 8.17 25.32
C HIS B 21 0.55 8.40 25.12
N ARG B 22 1.15 7.69 24.16
CA ARG B 22 2.57 7.83 23.83
C ARG B 22 2.66 8.37 22.39
N HIS B 23 3.57 9.33 22.18
CA HIS B 23 3.83 9.86 20.86
C HIS B 23 4.45 8.77 20.00
N VAL B 24 3.86 8.52 18.84
CA VAL B 24 4.35 7.44 17.98
C VAL B 24 4.82 7.90 16.59
N GLY B 25 4.65 9.18 16.27
CA GLY B 25 5.14 9.74 15.02
C GLY B 25 4.34 10.92 14.54
N SER B 26 4.54 11.24 13.26
CA SER B 26 3.94 12.41 12.59
C SER B 26 3.32 11.98 11.29
N LEU B 27 2.43 12.81 10.76
CA LEU B 27 1.96 12.65 9.40
C LEU B 27 1.36 13.95 8.89
N HIS B 28 1.29 14.08 7.57
CA HIS B 28 0.65 15.23 6.94
C HIS B 28 -0.75 14.89 6.50
N ALA B 29 -1.70 15.77 6.81
CA ALA B 29 -3.12 15.56 6.50
C ALA B 29 -3.85 16.87 6.35
N ALA B 30 -4.95 16.86 5.60
CA ALA B 30 -5.66 18.11 5.34
C ALA B 30 -6.50 18.57 6.53
N ASP B 31 -6.91 17.67 7.42
CA ASP B 31 -7.62 18.11 8.62
C ASP B 31 -7.58 17.05 9.70
N ASP B 32 -8.15 17.37 10.87
CA ASP B 32 -8.01 16.50 12.03
C ASP B 32 -8.65 15.13 11.77
N GLN B 33 -9.76 15.11 11.05
CA GLN B 33 -10.46 13.85 10.81
C GLN B 33 -9.70 12.97 9.82
N MET B 34 -9.06 13.56 8.83
CA MET B 34 -8.24 12.78 7.91
C MET B 34 -6.98 12.30 8.63
N ALA B 35 -6.43 13.11 9.53
CA ALA B 35 -5.26 12.70 10.31
C ALA B 35 -5.59 11.50 11.19
N LEU B 36 -6.75 11.53 11.83
CA LEU B 36 -7.21 10.39 12.64
C LEU B 36 -7.33 9.12 11.81
N GLU B 37 -8.06 9.23 10.70
CA GLU B 37 -8.24 8.11 9.77
C GLU B 37 -6.88 7.53 9.34
N ASN B 38 -5.96 8.40 8.92
CA ASN B 38 -4.61 7.97 8.50
C ASN B 38 -3.83 7.33 9.64
N ALA B 39 -3.87 7.95 10.82
CA ALA B 39 -3.17 7.41 11.99
C ALA B 39 -3.72 6.03 12.33
N ARG B 40 -5.05 5.90 12.28
CA ARG B 40 -5.72 4.61 12.56
C ARG B 40 -5.12 3.50 11.69
N ASP B 41 -4.93 3.79 10.41
CA ASP B 41 -4.35 2.83 9.47
C ASP B 41 -2.84 2.68 9.62
N ALA B 42 -2.14 3.81 9.61
CA ALA B 42 -0.67 3.79 9.58
C ALA B 42 -0.07 3.25 10.86
N TYR B 43 -0.67 3.57 12.00
CA TYR B 43 -0.05 3.33 13.30
C TYR B 43 -0.77 2.29 14.16
N THR B 44 -2.10 2.23 14.09
CA THR B 44 -2.80 1.24 14.93
C THR B 44 -3.28 0.01 14.17
N ARG B 45 -3.28 0.07 12.84
CA ARG B 45 -3.82 -1.02 12.03
C ARG B 45 -5.24 -1.40 12.46
N ARG B 46 -6.03 -0.39 12.83
CA ARG B 46 -7.43 -0.58 13.21
C ARG B 46 -7.72 -1.49 14.41
N SER B 47 -6.72 -1.70 15.28
CA SER B 47 -6.91 -2.44 16.54
C SER B 47 -8.11 -1.90 17.33
N GLU B 48 -8.95 -2.81 17.84
CA GLU B 48 -10.01 -2.44 18.77
C GLU B 48 -9.35 -1.94 20.06
N GLY B 49 -10.01 -0.98 20.70
CA GLY B 49 -9.67 -0.58 22.07
C GLY B 49 -8.52 0.37 22.23
N CYS B 50 -8.10 0.99 21.12
CA CYS B 50 -6.92 1.84 21.11
C CYS B 50 -7.42 3.26 20.97
N SER B 51 -6.89 4.20 21.78
CA SER B 51 -7.25 5.62 21.65
C SER B 51 -6.18 6.37 20.87
N ILE B 52 -6.61 7.14 19.86
CA ILE B 52 -5.70 7.97 19.07
C ILE B 52 -5.96 9.47 19.30
N TRP B 53 -4.90 10.23 19.55
CA TRP B 53 -4.95 11.69 19.57
C TRP B 53 -4.10 12.26 18.45
N VAL B 54 -4.66 13.18 17.69
CA VAL B 54 -3.90 13.95 16.71
C VAL B 54 -3.91 15.42 17.10
N VAL B 55 -2.78 16.07 16.84
CA VAL B 55 -2.54 17.45 17.21
C VAL B 55 -1.73 18.11 16.10
N LYS B 56 -2.21 19.25 15.59
CA LYS B 56 -1.37 19.96 14.64
C LYS B 56 -0.08 20.37 15.33
N ALA B 57 1.04 20.17 14.65
CA ALA B 57 2.36 20.53 15.15
C ALA B 57 2.44 21.94 15.75
N SER B 58 1.80 22.90 15.08
CA SER B 58 1.85 24.27 15.51
C SER B 58 1.27 24.45 16.91
N GLU B 59 0.52 23.48 17.40
CA GLU B 59 -0.10 23.59 18.72
C GLU B 59 0.84 23.19 19.87
N ILE B 60 1.98 22.59 19.56
CA ILE B 60 2.91 22.09 20.56
C ILE B 60 4.00 23.12 20.84
N VAL B 61 4.20 23.48 22.09
CA VAL B 61 5.34 24.28 22.52
C VAL B 61 6.26 23.35 23.32
N ALA B 62 7.52 23.22 22.87
CA ALA B 62 8.52 22.37 23.52
C ALA B 62 9.40 23.19 24.45
N SER B 63 9.97 22.54 25.45
CA SER B 63 10.94 23.17 26.31
C SER B 63 12.24 23.38 25.51
N GLN B 64 13.02 24.38 25.92
CA GLN B 64 14.24 24.80 25.23
C GLN B 64 15.46 23.98 25.66
N PRO B 65 16.13 23.28 24.71
CA PRO B 65 17.42 22.61 24.99
C PRO B 65 18.47 23.51 25.64
N ASN C 5 -26.84 -25.88 -4.02
CA ASN C 5 -26.55 -25.09 -5.21
C ASN C 5 -26.94 -23.61 -5.10
N PRO C 6 -28.09 -23.33 -4.49
CA PRO C 6 -28.55 -21.94 -4.37
C PRO C 6 -27.64 -21.17 -3.41
N VAL C 7 -27.39 -21.78 -2.24
CA VAL C 7 -26.49 -21.23 -1.23
C VAL C 7 -25.06 -21.01 -1.75
N ALA C 8 -24.58 -21.95 -2.56
CA ALA C 8 -23.25 -21.88 -3.18
C ALA C 8 -23.13 -20.67 -4.13
N THR C 9 -24.13 -20.51 -4.99
CA THR C 9 -24.25 -19.39 -5.92
C THR C 9 -24.43 -18.06 -5.20
N TYR C 10 -25.24 -18.05 -4.16
CA TYR C 10 -25.46 -16.83 -3.35
C TYR C 10 -24.15 -16.37 -2.68
N ALA C 11 -23.48 -17.29 -2.01
CA ALA C 11 -22.19 -17.07 -1.35
C ALA C 11 -21.13 -16.57 -2.33
N LEU C 12 -21.10 -17.20 -3.50
CA LEU C 12 -20.18 -16.84 -4.57
C LEU C 12 -20.39 -15.42 -5.08
N ARG C 13 -21.63 -14.96 -5.09
CA ARG C 13 -21.97 -13.61 -5.53
C ARG C 13 -21.39 -12.55 -4.61
N LEU C 14 -21.50 -12.78 -3.30
CA LEU C 14 -20.96 -11.86 -2.31
C LEU C 14 -19.43 -11.86 -2.38
N GLY C 15 -18.83 -13.03 -2.54
CA GLY C 15 -17.39 -13.11 -2.74
C GLY C 15 -16.93 -12.38 -3.99
N ASP C 16 -17.65 -12.58 -5.10
CA ASP C 16 -17.30 -11.96 -6.40
C ASP C 16 -17.34 -10.45 -6.37
N ASN C 17 -18.40 -9.89 -5.77
CA ASN C 17 -18.47 -8.46 -5.55
C ASN C 17 -17.20 -7.96 -4.89
N GLY C 18 -16.79 -8.66 -3.82
CA GLY C 18 -15.67 -8.22 -3.00
C GLY C 18 -14.37 -8.36 -3.77
N LEU C 19 -14.25 -9.48 -4.49
CA LEU C 19 -13.06 -9.77 -5.27
C LEU C 19 -12.85 -8.72 -6.38
N VAL C 20 -13.90 -8.43 -7.14
CA VAL C 20 -13.76 -7.56 -8.29
C VAL C 20 -13.51 -6.12 -7.87
N LEU C 21 -14.19 -5.69 -6.83
CA LEU C 21 -13.97 -4.34 -6.31
C LEU C 21 -12.55 -4.21 -5.74
N ALA C 22 -12.13 -5.21 -4.99
CA ALA C 22 -10.75 -5.32 -4.55
C ALA C 22 -9.74 -5.13 -5.68
N GLN C 23 -9.94 -5.83 -6.80
CA GLN C 23 -9.06 -5.70 -7.97
C GLN C 23 -8.97 -4.26 -8.38
N ARG C 24 -10.13 -3.60 -8.48
CA ARG C 24 -10.15 -2.20 -8.92
C ARG C 24 -9.36 -1.29 -8.00
N LEU C 25 -9.54 -1.49 -6.69
CA LEU C 25 -8.84 -0.64 -5.74
C LEU C 25 -7.31 -0.84 -5.79
N GLY C 26 -6.88 -2.08 -6.02
CA GLY C 26 -5.45 -2.42 -6.23
C GLY C 26 -4.75 -1.59 -7.30
N ALA C 27 -5.49 -1.25 -8.37
CA ALA C 27 -4.97 -0.44 -9.47
C ALA C 27 -4.58 0.97 -9.00
N TRP C 28 -5.19 1.43 -7.90
CA TRP C 28 -4.89 2.75 -7.33
C TRP C 28 -3.55 2.87 -6.59
N CYS C 29 -2.97 1.74 -6.21
CA CYS C 29 -1.71 1.75 -5.48
C CYS C 29 -0.66 2.67 -6.07
N GLY C 30 -0.33 3.73 -5.34
CA GLY C 30 0.72 4.65 -5.78
C GLY C 30 0.32 5.69 -6.80
N HIS C 31 -0.98 5.79 -7.06
CA HIS C 31 -1.51 6.73 -8.05
C HIS C 31 -2.52 7.73 -7.44
N ALA C 32 -2.66 7.69 -6.11
CA ALA C 32 -3.66 8.51 -5.42
C ALA C 32 -3.25 9.98 -5.25
N PRO C 33 -4.24 10.88 -5.05
CA PRO C 33 -3.99 12.32 -4.85
C PRO C 33 -3.05 12.66 -3.67
N GLU C 34 -3.12 11.87 -2.59
CA GLU C 34 -2.27 12.03 -1.40
C GLU C 34 -1.83 10.64 -0.96
N LEU C 35 -0.70 10.57 -0.25
CA LEU C 35 -0.18 9.32 0.35
C LEU C 35 -1.17 8.65 1.33
N GLU C 36 -1.87 9.48 2.11
CA GLU C 36 -2.96 9.04 2.99
C GLU C 36 -4.11 8.34 2.27
N ILE C 37 -4.50 8.86 1.11
CA ILE C 37 -5.52 8.22 0.28
C ILE C 37 -4.98 6.88 -0.31
N ASP C 38 -3.75 6.88 -0.80
CA ASP C 38 -3.06 5.65 -1.26
C ASP C 38 -3.19 4.54 -0.22
N LEU C 39 -2.93 4.92 1.04
CA LEU C 39 -2.97 4.02 2.18
C LEU C 39 -4.40 3.55 2.47
N ALA C 40 -5.34 4.50 2.45
CA ALA C 40 -6.74 4.23 2.73
C ALA C 40 -7.35 3.29 1.69
N LEU C 41 -7.08 3.56 0.42
CA LEU C 41 -7.56 2.74 -0.70
C LEU C 41 -7.01 1.30 -0.64
N ALA C 42 -5.74 1.18 -0.29
CA ALA C 42 -5.09 -0.12 -0.17
C ALA C 42 -5.65 -0.91 1.01
N ASN C 43 -5.97 -0.20 2.09
CA ASN C 43 -6.61 -0.78 3.28
C ASN C 43 -8.01 -1.33 2.94
N ILE C 44 -8.79 -0.56 2.19
CA ILE C 44 -10.12 -0.98 1.79
C ILE C 44 -10.01 -2.16 0.84
N GLY C 45 -9.08 -2.06 -0.10
CA GLY C 45 -8.82 -3.14 -1.04
C GLY C 45 -8.49 -4.44 -0.33
N LEU C 46 -7.70 -4.33 0.74
CA LEU C 46 -7.27 -5.47 1.52
C LEU C 46 -8.44 -6.08 2.31
N ASP C 47 -9.23 -5.24 2.97
CA ASP C 47 -10.43 -5.72 3.67
C ASP C 47 -11.33 -6.52 2.73
N LEU C 48 -11.64 -5.93 1.58
CA LEU C 48 -12.52 -6.53 0.59
C LEU C 48 -11.98 -7.84 0.07
N LEU C 49 -10.68 -7.90 -0.21
CA LEU C 49 -10.06 -9.17 -0.61
C LEU C 49 -10.17 -10.24 0.50
N GLY C 50 -9.98 -9.84 1.76
CA GLY C 50 -10.23 -10.73 2.91
C GLY C 50 -11.63 -11.30 2.92
N GLN C 51 -12.60 -10.43 2.68
CA GLN C 51 -14.00 -10.84 2.53
C GLN C 51 -14.21 -11.79 1.35
N ALA C 52 -13.59 -11.50 0.22
CA ALA C 52 -13.70 -12.38 -0.94
C ALA C 52 -13.17 -13.77 -0.63
N ARG C 53 -11.97 -13.82 -0.02
CA ARG C 53 -11.37 -15.08 0.40
C ARG C 53 -12.31 -15.88 1.30
N ASN C 54 -12.94 -15.21 2.26
CA ASN C 54 -13.90 -15.83 3.19
C ASN C 54 -15.11 -16.44 2.47
N PHE C 55 -15.81 -15.63 1.69
CA PHE C 55 -16.99 -16.10 0.92
C PHE C 55 -16.63 -17.18 -0.10
N LEU C 56 -15.54 -16.98 -0.83
CA LEU C 56 -15.11 -17.93 -1.87
C LEU C 56 -14.66 -19.23 -1.23
N SER C 57 -13.92 -19.14 -0.12
CA SER C 57 -13.53 -20.34 0.61
C SER C 57 -14.75 -21.18 1.04
N TYR C 58 -15.80 -20.49 1.49
CA TYR C 58 -17.02 -21.15 1.92
C TYR C 58 -17.80 -21.77 0.75
N ALA C 59 -17.96 -20.98 -0.32
CA ALA C 59 -18.50 -21.49 -1.58
C ALA C 59 -17.77 -22.74 -2.10
N ALA C 60 -16.45 -22.77 -1.98
CA ALA C 60 -15.69 -23.96 -2.39
C ALA C 60 -15.96 -25.16 -1.45
N GLU C 61 -16.08 -24.89 -0.16
CA GLU C 61 -16.46 -25.89 0.82
C GLU C 61 -17.90 -26.40 0.56
N LEU C 62 -18.83 -25.49 0.27
CA LEU C 62 -20.20 -25.84 -0.11
C LEU C 62 -20.30 -26.71 -1.37
N ASN C 63 -19.45 -26.45 -2.37
CA ASN C 63 -19.49 -27.23 -3.61
C ASN C 63 -18.75 -28.57 -3.51
N GLY C 64 -17.93 -28.72 -2.47
CA GLY C 64 -17.17 -29.95 -2.25
C GLY C 64 -15.92 -30.13 -3.12
N CYS C 65 -15.49 -29.06 -3.78
CA CYS C 65 -14.29 -29.11 -4.61
C CYS C 65 -13.73 -27.71 -4.85
N GLY C 66 -12.45 -27.66 -5.18
CA GLY C 66 -11.76 -26.37 -5.41
C GLY C 66 -11.52 -25.55 -4.16
N ASP C 67 -11.15 -24.28 -4.37
CA ASP C 67 -10.79 -23.35 -3.29
C ASP C 67 -10.91 -21.92 -3.83
N GLU C 68 -10.51 -20.93 -3.02
CA GLU C 68 -10.67 -19.52 -3.40
C GLU C 68 -9.91 -19.19 -4.71
N ASP C 69 -8.85 -19.95 -4.99
CA ASP C 69 -7.98 -19.77 -6.13
C ASP C 69 -8.55 -20.41 -7.40
N THR C 70 -9.08 -21.63 -7.30
CA THR C 70 -9.80 -22.23 -8.44
C THR C 70 -10.96 -21.29 -8.81
N LEU C 71 -11.64 -20.75 -7.81
CA LEU C 71 -12.78 -19.91 -8.09
C LEU C 71 -12.40 -18.58 -8.71
N ALA C 72 -11.37 -17.92 -8.16
CA ALA C 72 -10.94 -16.62 -8.65
C ALA C 72 -10.25 -16.71 -10.01
N PHE C 73 -9.48 -17.77 -10.22
CA PHE C 73 -8.59 -17.82 -11.38
C PHE C 73 -8.98 -18.73 -12.53
N GLY C 74 -9.98 -19.57 -12.35
CA GLY C 74 -10.30 -20.54 -13.41
C GLY C 74 -11.73 -20.44 -13.97
N ARG C 75 -12.53 -19.53 -13.42
CA ARG C 75 -13.82 -19.15 -13.99
C ARG C 75 -13.65 -18.01 -15.04
N ASP C 76 -14.49 -18.01 -16.08
CA ASP C 76 -14.47 -16.90 -17.06
C ASP C 76 -15.56 -15.90 -16.73
N GLU C 77 -15.71 -14.89 -17.57
CA GLU C 77 -16.62 -13.79 -17.27
C GLU C 77 -18.09 -14.17 -17.29
N ARG C 78 -18.43 -15.26 -17.98
CA ARG C 78 -19.81 -15.73 -18.03
C ARG C 78 -20.19 -16.50 -16.75
N GLN C 79 -19.19 -16.90 -15.97
CA GLN C 79 -19.38 -17.58 -14.68
C GLN C 79 -19.25 -16.65 -13.46
N TYR C 80 -18.50 -15.55 -13.60
CA TYR C 80 -18.42 -14.54 -12.54
C TYR C 80 -19.79 -13.92 -12.28
N SER C 81 -20.06 -13.61 -10.99
CA SER C 81 -21.41 -13.22 -10.59
C SER C 81 -21.45 -11.96 -9.76
N ASN C 82 -20.41 -11.15 -9.87
CA ASN C 82 -20.34 -9.85 -9.22
C ASN C 82 -21.34 -8.88 -9.80
N LEU C 83 -21.74 -7.91 -8.96
CA LEU C 83 -22.48 -6.76 -9.42
C LEU C 83 -21.72 -5.99 -10.50
N LEU C 84 -22.46 -5.35 -11.39
CA LEU C 84 -21.86 -4.60 -12.50
C LEU C 84 -21.20 -3.34 -11.97
N LEU C 85 -21.68 -2.90 -10.83
CA LEU C 85 -21.16 -1.72 -10.18
C LEU C 85 -19.67 -1.83 -9.86
N VAL C 86 -19.24 -2.97 -9.30
CA VAL C 86 -17.87 -3.13 -8.79
C VAL C 86 -16.86 -3.30 -9.92
N GLU C 87 -17.36 -3.57 -11.14
CA GLU C 87 -16.48 -3.77 -12.30
C GLU C 87 -16.29 -2.50 -13.15
N GLN C 88 -16.96 -1.43 -12.75
CA GLN C 88 -16.81 -0.15 -13.42
C GLN C 88 -15.38 0.35 -13.28
N PRO C 89 -14.85 1.03 -14.33
CA PRO C 89 -13.44 1.48 -14.20
C PRO C 89 -13.26 2.49 -13.05
N ASN C 90 -12.00 2.67 -12.64
CA ASN C 90 -11.67 3.60 -11.55
C ASN C 90 -12.01 5.03 -11.94
N GLY C 91 -11.78 5.36 -13.22
CA GLY C 91 -12.00 6.71 -13.73
C GLY C 91 -11.26 7.68 -12.83
N ASN C 92 -11.87 8.81 -12.53
CA ASN C 92 -11.20 9.81 -11.72
C ASN C 92 -11.52 9.53 -10.25
N PHE C 93 -10.92 10.28 -9.34
CA PHE C 93 -11.13 10.01 -7.91
C PHE C 93 -12.61 10.06 -7.51
N ALA C 94 -13.38 10.96 -8.12
CA ALA C 94 -14.82 11.03 -7.83
C ALA C 94 -15.53 9.77 -8.27
N ASP C 95 -15.17 9.22 -9.43
CA ASP C 95 -15.78 7.97 -9.93
C ASP C 95 -15.52 6.80 -9.00
N THR C 96 -14.30 6.75 -8.47
CA THR C 96 -13.91 5.73 -7.50
C THR C 96 -14.70 5.88 -6.19
N ILE C 97 -14.89 7.13 -5.77
CA ILE C 97 -15.60 7.48 -4.54
C ILE C 97 -17.10 7.23 -4.68
N ALA C 98 -17.68 7.62 -5.82
CA ALA C 98 -19.08 7.30 -6.08
C ALA C 98 -19.31 5.79 -5.99
N ARG C 99 -18.51 5.01 -6.73
CA ARG C 99 -18.64 3.53 -6.73
C ARG C 99 -18.48 2.98 -5.33
N GLN C 100 -17.46 3.43 -4.61
CA GLN C 100 -17.21 2.97 -3.23
C GLN C 100 -18.35 3.29 -2.25
N PHE C 101 -18.86 4.51 -2.30
CA PHE C 101 -19.98 4.94 -1.44
C PHE C 101 -21.26 4.11 -1.64
N PHE C 102 -21.62 3.87 -2.91
CA PHE C 102 -22.81 3.06 -3.22
C PHE C 102 -22.67 1.62 -2.74
N ILE C 103 -21.45 1.10 -2.86
CA ILE C 103 -21.18 -0.28 -2.44
C ILE C 103 -21.10 -0.40 -0.90
N ASP C 104 -20.37 0.52 -0.26
CA ASP C 104 -20.23 0.51 1.20
C ASP C 104 -21.57 0.64 1.91
N VAL C 105 -22.38 1.59 1.48
CA VAL C 105 -23.73 1.79 2.03
C VAL C 105 -24.54 0.50 1.90
N TRP C 106 -24.29 -0.25 0.82
CA TRP C 106 -25.06 -1.45 0.53
C TRP C 106 -24.53 -2.58 1.38
N HIS C 107 -23.20 -2.63 1.52
CA HIS C 107 -22.55 -3.63 2.37
C HIS C 107 -22.95 -3.46 3.83
N VAL C 108 -23.05 -2.20 4.29
CA VAL C 108 -23.51 -1.92 5.65
C VAL C 108 -24.93 -2.43 5.89
N ALA C 109 -25.87 -2.03 5.04
CA ALA C 109 -27.24 -2.56 5.07
C ALA C 109 -27.31 -4.10 4.94
N LEU C 110 -26.47 -4.67 4.07
CA LEU C 110 -26.48 -6.12 3.87
C LEU C 110 -25.89 -6.88 5.06
N TYR C 111 -24.65 -6.55 5.44
CA TYR C 111 -23.96 -7.35 6.45
C TYR C 111 -24.62 -7.25 7.82
N SER C 112 -25.24 -6.10 8.09
CA SER C 112 -26.03 -5.90 9.31
C SER C 112 -27.10 -6.99 9.41
N ARG C 113 -27.79 -7.25 8.31
CA ARG C 113 -28.86 -8.24 8.32
C ARG C 113 -28.39 -9.66 8.12
N LEU C 114 -27.37 -9.85 7.28
CA LEU C 114 -26.85 -11.17 7.00
C LEU C 114 -26.14 -11.78 8.22
N VAL C 115 -25.78 -10.94 9.20
CA VAL C 115 -25.21 -11.45 10.45
C VAL C 115 -26.25 -12.14 11.36
N ASN C 116 -27.52 -12.03 11.00
CA ASN C 116 -28.58 -12.82 11.65
C ASN C 116 -29.03 -14.04 10.79
N SER C 117 -28.24 -14.37 9.78
CA SER C 117 -28.51 -15.51 8.88
C SER C 117 -28.63 -16.83 9.65
N ARG C 118 -29.56 -17.69 9.24
CA ARG C 118 -29.65 -19.04 9.78
C ARG C 118 -28.47 -19.91 9.35
N ASP C 119 -27.71 -19.47 8.35
CA ASP C 119 -26.46 -20.14 8.01
C ASP C 119 -25.36 -19.62 8.92
N ALA C 120 -24.82 -20.48 9.81
CA ALA C 120 -23.82 -20.01 10.78
C ALA C 120 -22.52 -19.47 10.16
N GLN C 121 -22.05 -20.07 9.06
CA GLN C 121 -20.82 -19.60 8.42
C GLN C 121 -21.06 -18.25 7.77
N LEU C 122 -22.23 -18.08 7.16
CA LEU C 122 -22.61 -16.81 6.55
C LEU C 122 -22.74 -15.70 7.58
N ALA C 123 -23.30 -16.05 8.73
CA ALA C 123 -23.47 -15.09 9.81
C ALA C 123 -22.12 -14.64 10.34
N ALA C 124 -21.19 -15.57 10.47
CA ALA C 124 -19.86 -15.26 10.98
C ALA C 124 -19.04 -14.40 10.01
N ILE C 125 -19.01 -14.78 8.74
CA ILE C 125 -18.34 -13.97 7.71
C ILE C 125 -18.86 -12.54 7.70
N ALA C 126 -20.18 -12.40 7.84
CA ALA C 126 -20.86 -11.10 7.79
C ALA C 126 -20.56 -10.25 9.01
N ALA C 127 -20.36 -10.91 10.16
CA ALA C 127 -20.06 -10.27 11.43
C ALA C 127 -18.69 -9.63 11.36
N LYS C 128 -17.74 -10.33 10.72
CA LYS C 128 -16.44 -9.76 10.45
C LYS C 128 -16.56 -8.61 9.46
N GLY C 129 -17.19 -8.86 8.32
CA GLY C 129 -17.29 -7.89 7.23
C GLY C 129 -17.95 -6.56 7.61
N LEU C 130 -19.01 -6.62 8.41
CA LEU C 130 -19.74 -5.41 8.81
C LEU C 130 -18.85 -4.34 9.49
N LYS C 131 -17.91 -4.80 10.33
CA LYS C 131 -17.04 -3.89 11.08
C LYS C 131 -16.17 -3.14 10.11
N GLU C 132 -15.68 -3.85 9.10
CA GLU C 132 -14.87 -3.25 8.06
C GLU C 132 -15.71 -2.32 7.17
N VAL C 133 -16.90 -2.76 6.76
CA VAL C 133 -17.79 -1.97 5.90
C VAL C 133 -18.12 -0.60 6.53
N ARG C 134 -18.34 -0.59 7.84
CA ARG C 134 -18.56 0.67 8.58
C ARG C 134 -17.41 1.67 8.42
N TYR C 135 -16.17 1.18 8.55
CA TYR C 135 -14.98 2.00 8.23
C TYR C 135 -14.95 2.47 6.79
N HIS C 136 -15.28 1.58 5.85
CA HIS C 136 -15.29 1.94 4.44
C HIS C 136 -16.28 3.05 4.18
N LEU C 137 -17.47 2.94 4.78
CA LEU C 137 -18.54 3.94 4.58
C LEU C 137 -18.16 5.32 5.08
N ARG C 138 -17.58 5.41 6.29
CA ARG C 138 -17.04 6.68 6.83
C ARG C 138 -16.06 7.35 5.86
N PHE C 139 -15.11 6.57 5.35
CA PHE C 139 -14.17 7.07 4.37
C PHE C 139 -14.87 7.54 3.10
N SER C 140 -15.73 6.69 2.53
CA SER C 140 -16.35 7.03 1.23
C SER C 140 -17.36 8.18 1.39
N ARG C 141 -18.22 8.11 2.39
CA ARG C 141 -19.11 9.22 2.68
C ARG C 141 -18.35 10.52 2.97
N GLY C 142 -17.25 10.43 3.71
CA GLY C 142 -16.41 11.60 3.98
C GLY C 142 -15.93 12.26 2.72
N TRP C 143 -15.39 11.47 1.79
CA TRP C 143 -14.92 12.02 0.52
C TRP C 143 -16.01 12.55 -0.39
N LEU C 144 -17.18 11.90 -0.38
CA LEU C 144 -18.35 12.40 -1.12
C LEU C 144 -18.67 13.84 -0.68
N GLU C 145 -18.72 14.05 0.63
CA GLU C 145 -18.96 15.38 1.22
C GLU C 145 -17.84 16.37 0.93
N ARG C 146 -16.59 15.93 1.08
CA ARG C 146 -15.45 16.81 0.80
C ARG C 146 -15.38 17.27 -0.65
N LEU C 147 -15.74 16.38 -1.57
CA LEU C 147 -15.68 16.71 -2.99
C LEU C 147 -16.91 17.47 -3.46
N GLY C 148 -18.10 16.99 -3.11
CA GLY C 148 -19.34 17.66 -3.52
C GLY C 148 -19.46 19.07 -2.96
N ASN C 149 -19.05 19.19 -1.70
CA ASN C 149 -19.08 20.45 -0.97
C ASN C 149 -17.65 21.00 -0.81
N GLY C 150 -16.89 20.99 -1.91
CA GLY C 150 -15.49 21.39 -1.89
C GLY C 150 -15.30 22.66 -2.70
N THR C 151 -14.82 22.50 -3.93
CA THR C 151 -14.77 23.58 -4.90
C THR C 151 -15.92 23.43 -5.90
N GLU C 152 -16.03 24.38 -6.83
CA GLU C 152 -16.99 24.30 -7.93
C GLU C 152 -16.64 23.11 -8.82
N LEU C 153 -15.35 22.94 -9.07
CA LEU C 153 -14.80 21.88 -9.91
C LEU C 153 -14.98 20.48 -9.32
N SER C 154 -14.71 20.34 -8.01
CA SER C 154 -14.88 19.05 -7.35
C SER C 154 -16.36 18.68 -7.21
N ASN C 155 -17.20 19.69 -6.97
CA ASN C 155 -18.64 19.54 -6.96
C ASN C 155 -19.21 19.02 -8.27
N ARG C 156 -18.72 19.52 -9.39
CA ARG C 156 -19.13 19.03 -10.73
C ARG C 156 -18.65 17.60 -11.00
N LYS C 157 -17.38 17.32 -10.70
CA LYS C 157 -16.85 15.99 -10.90
C LYS C 157 -17.62 14.95 -10.07
N MET C 158 -17.99 15.32 -8.84
CA MET C 158 -18.72 14.43 -7.94
C MET C 158 -20.17 14.18 -8.39
N GLN C 159 -20.81 15.22 -8.92
CA GLN C 159 -22.13 15.07 -9.51
C GLN C 159 -22.06 14.18 -10.76
N GLN C 160 -21.07 14.43 -11.62
CA GLN C 160 -20.85 13.60 -12.81
C GLN C 160 -20.62 12.14 -12.46
N ALA C 161 -19.78 11.91 -11.46
CA ALA C 161 -19.46 10.55 -10.99
C ALA C 161 -20.74 9.82 -10.57
N VAL C 162 -21.59 10.51 -9.80
CA VAL C 162 -22.84 9.92 -9.30
C VAL C 162 -23.80 9.55 -10.45
N ASP C 163 -23.97 10.51 -11.36
CA ASP C 163 -24.80 10.36 -12.56
C ASP C 163 -24.39 9.18 -13.38
N ASN C 164 -23.08 9.03 -13.56
CA ASN C 164 -22.49 8.04 -14.45
C ASN C 164 -22.64 6.62 -13.90
N LEU C 165 -22.78 6.48 -12.59
CA LEU C 165 -22.85 5.15 -11.97
C LEU C 165 -24.26 4.73 -11.63
N TRP C 166 -25.18 5.70 -11.62
CA TRP C 166 -26.53 5.51 -11.10
C TRP C 166 -27.28 4.32 -11.72
N ARG C 167 -27.20 4.16 -13.04
CA ARG C 167 -27.98 3.09 -13.70
C ARG C 167 -27.71 1.69 -13.16
N PHE C 168 -26.53 1.48 -12.57
CA PHE C 168 -26.12 0.17 -12.02
C PHE C 168 -26.61 -0.08 -10.61
N THR C 169 -27.20 0.94 -9.97
CA THR C 169 -27.73 0.78 -8.61
C THR C 169 -28.94 -0.16 -8.53
N GLY C 170 -29.62 -0.37 -9.67
CA GLY C 170 -30.83 -1.22 -9.71
C GLY C 170 -30.53 -2.67 -9.32
N GLU C 171 -29.37 -3.16 -9.74
CA GLU C 171 -28.91 -4.50 -9.37
C GLU C 171 -28.79 -4.70 -7.85
N LEU C 172 -28.56 -3.61 -7.11
CA LEU C 172 -28.40 -3.68 -5.65
C LEU C 172 -29.66 -4.22 -4.97
N PHE C 173 -30.80 -3.98 -5.59
CA PHE C 173 -32.09 -4.41 -5.02
C PHE C 173 -32.86 -5.39 -5.92
N LEU C 174 -32.14 -5.95 -6.89
CA LEU C 174 -32.65 -6.98 -7.78
C LEU C 174 -32.71 -8.30 -7.04
N ALA C 175 -33.88 -8.94 -7.02
CA ALA C 175 -33.98 -10.26 -6.41
C ALA C 175 -34.24 -11.33 -7.47
N ASP C 176 -33.56 -12.46 -7.37
CA ASP C 176 -33.93 -13.62 -8.16
C ASP C 176 -34.38 -14.76 -7.25
N GLU C 177 -34.60 -15.94 -7.83
CA GLU C 177 -35.18 -17.04 -7.06
C GLU C 177 -34.18 -17.69 -6.11
N VAL C 178 -32.89 -17.48 -6.36
CA VAL C 178 -31.88 -17.85 -5.38
C VAL C 178 -32.02 -16.95 -4.14
N GLU C 179 -32.03 -15.63 -4.35
CA GLU C 179 -32.26 -14.70 -3.25
C GLU C 179 -33.52 -15.06 -2.47
N LEU C 180 -34.65 -15.12 -3.18
CA LEU C 180 -35.97 -15.32 -2.58
C LEU C 180 -36.04 -16.65 -1.83
N SER C 181 -35.70 -17.75 -2.49
CA SER C 181 -35.73 -19.06 -1.83
C SER C 181 -34.88 -19.09 -0.54
N LEU C 182 -33.67 -18.53 -0.59
CA LEU C 182 -32.79 -18.56 0.58
C LEU C 182 -33.24 -17.61 1.69
N VAL C 183 -33.88 -16.52 1.28
CA VAL C 183 -34.47 -15.54 2.18
C VAL C 183 -35.65 -16.12 2.96
N GLU C 184 -36.45 -16.95 2.28
CA GLU C 184 -37.60 -17.59 2.92
C GLU C 184 -37.17 -18.66 3.93
N GLN C 185 -36.01 -19.28 3.68
CA GLN C 185 -35.40 -20.22 4.62
C GLN C 185 -34.63 -19.48 5.74
N GLY C 186 -34.65 -18.14 5.70
CA GLY C 186 -33.95 -17.31 6.71
C GLY C 186 -32.44 -17.27 6.57
N ILE C 187 -31.94 -17.56 5.37
CA ILE C 187 -30.52 -17.73 5.10
C ILE C 187 -29.93 -16.49 4.39
N ALA C 188 -30.57 -16.06 3.31
CA ALA C 188 -30.17 -14.89 2.55
C ALA C 188 -31.00 -13.69 2.95
N VAL C 189 -30.55 -12.52 2.50
CA VAL C 189 -31.30 -11.29 2.62
C VAL C 189 -31.93 -11.03 1.26
N ASP C 190 -33.23 -10.70 1.25
CA ASP C 190 -33.94 -10.33 0.03
C ASP C 190 -33.47 -8.92 -0.35
N PRO C 191 -32.70 -8.80 -1.45
CA PRO C 191 -32.12 -7.50 -1.85
C PRO C 191 -33.13 -6.37 -1.98
N ARG C 192 -34.38 -6.69 -2.29
CA ARG C 192 -35.43 -5.67 -2.44
C ARG C 192 -35.68 -4.93 -1.12
N GLU C 193 -35.59 -5.65 -0.01
CA GLU C 193 -35.82 -5.11 1.33
C GLU C 193 -34.63 -4.29 1.85
N LEU C 194 -33.59 -4.12 1.02
CA LEU C 194 -32.41 -3.32 1.37
C LEU C 194 -32.55 -1.89 0.86
N GLN C 195 -33.60 -1.64 0.09
CA GLN C 195 -33.72 -0.36 -0.64
C GLN C 195 -33.88 0.83 0.30
N ALA C 196 -34.77 0.67 1.29
CA ALA C 196 -35.06 1.70 2.28
C ALA C 196 -33.82 2.11 3.06
N GLU C 197 -33.08 1.14 3.58
CA GLU C 197 -31.85 1.47 4.32
C GLU C 197 -30.79 2.10 3.41
N TRP C 198 -30.61 1.55 2.21
CA TRP C 198 -29.62 2.08 1.28
C TRP C 198 -29.99 3.50 0.85
N GLN C 199 -31.26 3.72 0.49
CA GLN C 199 -31.74 5.04 0.04
C GLN C 199 -31.66 6.12 1.13
N SER C 200 -32.02 5.77 2.36
CA SER C 200 -31.96 6.71 3.49
C SER C 200 -30.53 7.19 3.72
N ALA C 201 -29.57 6.26 3.58
CA ALA C 201 -28.16 6.60 3.70
C ALA C 201 -27.74 7.46 2.51
N VAL C 202 -27.87 6.91 1.30
CA VAL C 202 -27.32 7.54 0.10
C VAL C 202 -27.94 8.90 -0.26
N HIS C 203 -29.26 9.00 -0.14
CA HIS C 203 -29.96 10.26 -0.43
C HIS C 203 -29.53 11.36 0.56
N THR C 204 -29.36 10.98 1.83
CA THR C 204 -28.91 11.93 2.86
C THR C 204 -27.49 12.42 2.56
N ALA C 205 -26.56 11.50 2.31
CA ALA C 205 -25.18 11.84 1.95
C ALA C 205 -25.00 12.68 0.69
N LEU C 206 -25.79 12.39 -0.33
CA LEU C 206 -25.78 13.19 -1.55
C LEU C 206 -26.34 14.59 -1.24
N LEU C 207 -27.45 14.66 -0.49
CA LEU C 207 -27.99 15.97 -0.05
C LEU C 207 -26.96 16.76 0.75
N ASP C 208 -26.39 16.14 1.76
CA ASP C 208 -25.38 16.77 2.63
C ASP C 208 -24.15 17.26 1.87
N SER C 209 -23.81 16.59 0.78
CA SER C 209 -22.70 16.99 -0.07
C SER C 209 -23.12 18.10 -1.03
N GLY C 210 -24.36 18.58 -0.91
CA GLY C 210 -24.94 19.60 -1.76
C GLY C 210 -25.04 19.13 -3.21
N LEU C 211 -25.52 17.91 -3.38
CA LEU C 211 -25.60 17.29 -4.69
C LEU C 211 -27.00 16.76 -4.92
N GLN C 212 -27.24 16.26 -6.14
CA GLN C 212 -28.55 15.77 -6.56
C GLN C 212 -28.60 14.26 -6.80
N ILE C 213 -29.65 13.63 -6.27
CA ILE C 213 -29.98 12.27 -6.59
C ILE C 213 -30.42 12.31 -8.06
N PRO C 214 -29.80 11.47 -8.91
CA PRO C 214 -30.18 11.38 -10.32
C PRO C 214 -31.66 11.08 -10.50
N GLN C 215 -32.26 11.71 -11.50
CA GLN C 215 -33.68 11.47 -11.80
C GLN C 215 -33.86 10.29 -12.74
N GLU C 216 -32.77 9.84 -13.37
CA GLU C 216 -32.79 8.65 -14.20
C GLU C 216 -33.18 7.42 -13.36
N ALA C 217 -34.18 6.68 -13.83
CA ALA C 217 -34.49 5.38 -13.26
C ALA C 217 -33.41 4.36 -13.57
N ALA C 218 -32.73 3.85 -12.55
CA ALA C 218 -31.67 2.85 -12.73
C ALA C 218 -32.22 1.57 -13.38
N PHE C 219 -31.54 1.06 -14.41
CA PHE C 219 -32.09 -0.04 -15.23
C PHE C 219 -31.12 -1.19 -15.50
N ARG C 220 -29.87 -1.10 -15.03
CA ARG C 220 -28.87 -2.10 -15.41
C ARG C 220 -28.67 -3.23 -14.41
N SER C 221 -28.89 -4.46 -14.91
CA SER C 221 -28.64 -5.69 -14.17
C SER C 221 -27.99 -6.72 -15.12
N GLY C 222 -27.53 -7.82 -14.55
CA GLY C 222 -27.02 -8.97 -15.32
C GLY C 222 -25.80 -9.61 -14.71
N GLY C 223 -25.05 -8.85 -13.91
CA GLY C 223 -23.83 -9.34 -13.29
C GLY C 223 -23.98 -10.64 -12.54
N LYS C 224 -25.03 -10.75 -11.74
CA LYS C 224 -25.32 -11.95 -10.94
C LYS C 224 -25.57 -13.18 -11.82
N GLN C 225 -25.93 -12.94 -13.09
CA GLN C 225 -26.25 -14.00 -14.04
C GLN C 225 -25.09 -14.29 -14.98
N GLY C 226 -23.91 -13.69 -14.73
CA GLY C 226 -22.79 -13.80 -15.67
C GLY C 226 -22.91 -12.97 -16.94
N LEU C 227 -23.82 -12.00 -16.92
CA LEU C 227 -24.02 -11.08 -18.05
C LEU C 227 -23.43 -9.72 -17.71
N HIS C 228 -22.18 -9.53 -18.13
CA HIS C 228 -21.38 -8.43 -17.63
C HIS C 228 -21.24 -7.33 -18.64
N SER C 229 -20.80 -6.15 -18.20
CA SER C 229 -20.34 -5.11 -19.10
C SER C 229 -19.04 -5.62 -19.79
N GLU C 230 -18.62 -4.92 -20.82
CA GLU C 230 -17.37 -5.24 -21.50
C GLU C 230 -16.10 -4.91 -20.67
N HIS C 231 -16.27 -4.41 -19.49
CA HIS C 231 -15.20 -4.21 -18.55
C HIS C 231 -14.62 -5.46 -17.91
N LEU C 232 -15.46 -6.44 -17.61
CA LEU C 232 -14.99 -7.60 -16.86
C LEU C 232 -13.93 -8.45 -17.60
N GLY C 233 -14.20 -8.80 -18.86
CA GLY C 233 -13.27 -9.60 -19.66
C GLY C 233 -11.81 -9.22 -19.50
N PRO C 234 -11.45 -7.97 -19.86
CA PRO C 234 -10.06 -7.51 -19.70
C PRO C 234 -9.52 -7.49 -18.25
N LEU C 235 -10.38 -7.22 -17.26
CA LEU C 235 -10.01 -7.38 -15.85
C LEU C 235 -9.55 -8.80 -15.55
N LEU C 236 -10.30 -9.78 -16.05
CA LEU C 236 -9.98 -11.18 -15.80
C LEU C 236 -8.76 -11.61 -16.58
N ALA C 237 -8.58 -11.08 -17.78
CA ALA C 237 -7.40 -11.41 -18.58
C ALA C 237 -6.14 -11.05 -17.77
N GLU C 238 -6.20 -9.91 -17.10
CA GLU C 238 -5.07 -9.43 -16.30
C GLU C 238 -4.94 -10.21 -14.98
N MET C 239 -6.05 -10.33 -14.27
CA MET C 239 -6.08 -11.04 -13.00
C MET C 239 -5.63 -12.50 -13.11
N GLN C 240 -6.01 -13.17 -14.20
CA GLN C 240 -5.84 -14.62 -14.29
C GLN C 240 -4.64 -15.10 -15.08
N TYR C 241 -3.97 -14.19 -15.78
CA TYR C 241 -2.87 -14.55 -16.68
C TYR C 241 -1.92 -15.64 -16.17
N LEU C 242 -1.25 -15.37 -15.04
CA LEU C 242 -0.22 -16.31 -14.54
C LEU C 242 -0.77 -17.69 -14.23
N GLN C 243 -1.95 -17.73 -13.61
CA GLN C 243 -2.60 -19.01 -13.31
C GLN C 243 -2.96 -19.78 -14.58
N ARG C 244 -3.31 -19.05 -15.65
CA ARG C 244 -3.69 -19.68 -16.92
C ARG C 244 -2.46 -20.25 -17.59
N SER C 245 -1.38 -19.46 -17.59
CA SER C 245 -0.09 -19.89 -18.12
C SER C 245 0.50 -21.07 -17.36
N HIS C 246 0.41 -21.03 -16.02
CA HIS C 246 1.01 -22.06 -15.18
C HIS C 246 0.00 -22.64 -14.20
N PRO C 247 -0.98 -23.40 -14.74
CA PRO C 247 -2.07 -23.91 -13.91
C PRO C 247 -1.65 -24.99 -12.90
N GLY C 248 -2.39 -25.10 -11.81
CA GLY C 248 -2.26 -26.22 -10.86
C GLY C 248 -1.00 -26.21 -10.00
N LEU C 249 -0.51 -25.02 -9.69
CA LEU C 249 0.74 -24.90 -8.95
C LEU C 249 0.49 -24.28 -7.60
N GLN C 250 1.52 -24.29 -6.75
CA GLN C 250 1.46 -23.64 -5.43
C GLN C 250 2.37 -22.43 -5.46
N TRP C 251 1.95 -21.36 -4.80
CA TRP C 251 2.62 -20.07 -4.92
C TRP C 251 2.92 -19.43 -3.60
#